data_3EKN
#
_entry.id   3EKN
#
_cell.length_a   58.092
_cell.length_b   69.522
_cell.length_c   89.961
_cell.angle_alpha   90.00
_cell.angle_beta   90.00
_cell.angle_gamma   90.00
#
_symmetry.space_group_name_H-M   'P 21 21 21'
#
loop_
_entity.id
_entity.type
_entity.pdbx_description
1 polymer 'Insulin receptor'
2 non-polymer 2-fluoro-6-{[2-({2-methoxy-4-[4-(1-methylethyl)piperazin-1-yl]phenyl}amino)-7H-pyrrolo[2,3-d]pyrimidin-4-yl]amino}benzamide
3 water water
#
_entity_poly.entity_id   1
_entity_poly.type   'polypeptide(L)'
_entity_poly.pdbx_seq_one_letter_code
;GVFPSSVYVPDEWEVSREKITLLRELGQGSFGMVYEGNARDIIKGEAETRVAVKTVNESASLRERIEFLNEASVMKGFTC
HHVVRLLGVVSKGQPTLVVMELMAHGDLKSYLRSLRPEAENNPGRPPPTLQEMIQMAAEIADGMAYLNAKKFVHRNLAAR
NCMVAHDFTVKIGDFGMTRDIYETDYYRKGGKGLLPVRWMAPESLKDGVFTTSSDMWSFGVVLWEITSLAEQPYQGLSNE
QVLKFVMDGGYLDQPDNCPERVTDLMRMCWQFNPNMRPTFLEIVNLLKDDLHPSFPEVSFFHSEENK
;
_entity_poly.pdbx_strand_id   A
#
loop_
_chem_comp.id
_chem_comp.type
_chem_comp.name
_chem_comp.formula
GS3 non-polymer 2-fluoro-6-{[2-({2-methoxy-4-[4-(1-methylethyl)piperazin-1-yl]phenyl}amino)-7H-pyrrolo[2,3-d]pyrimidin-4-yl]amino}benzamide 'C27 H31 F N8 O2'
#
# COMPACT_ATOMS: atom_id res chain seq x y z
N TYR A 8 8.13 -8.17 -23.01
CA TYR A 8 8.98 -7.06 -22.45
C TYR A 8 10.13 -6.68 -23.37
N VAL A 9 10.32 -5.36 -23.57
CA VAL A 9 11.43 -4.81 -24.34
C VAL A 9 12.07 -3.68 -23.52
N PRO A 10 13.42 -3.72 -23.36
CA PRO A 10 14.15 -2.74 -22.54
C PRO A 10 14.15 -1.33 -23.13
N ASP A 11 14.27 -0.34 -22.24
CA ASP A 11 14.34 1.07 -22.61
C ASP A 11 15.26 1.79 -21.64
N GLU A 12 15.04 3.10 -21.45
CA GLU A 12 15.84 3.89 -20.51
C GLU A 12 15.70 3.48 -19.02
N TRP A 13 14.76 2.59 -18.72
CA TRP A 13 14.61 2.07 -17.37
C TRP A 13 15.60 0.94 -17.05
N GLU A 14 16.27 0.45 -18.08
CA GLU A 14 17.28 -0.61 -17.90
C GLU A 14 18.46 -0.08 -17.12
N VAL A 15 18.82 -0.82 -16.08
CA VAL A 15 19.90 -0.47 -15.17
C VAL A 15 20.86 -1.65 -15.13
N SER A 16 22.16 -1.35 -15.20
CA SER A 16 23.19 -2.40 -15.19
CA SER A 16 23.19 -2.40 -15.19
C SER A 16 23.14 -3.18 -13.88
N ARG A 17 23.33 -4.48 -13.98
CA ARG A 17 23.32 -5.37 -12.82
C ARG A 17 24.37 -4.97 -11.79
N GLU A 18 25.59 -4.70 -12.27
CA GLU A 18 26.74 -4.39 -11.43
C GLU A 18 26.58 -3.10 -10.62
N LYS A 19 25.58 -2.30 -10.97
CA LYS A 19 25.25 -1.09 -10.21
C LYS A 19 24.56 -1.43 -8.91
N ILE A 20 23.98 -2.63 -8.84
CA ILE A 20 23.18 -3.04 -7.69
C ILE A 20 23.96 -3.93 -6.73
N THR A 21 24.07 -3.48 -5.47
CA THR A 21 24.59 -4.28 -4.39
CA THR A 21 24.59 -4.29 -4.38
C THR A 21 23.45 -4.62 -3.43
N LEU A 22 23.32 -5.89 -3.08
CA LEU A 22 22.26 -6.31 -2.16
C LEU A 22 22.78 -6.45 -0.74
N LEU A 23 22.00 -6.02 0.24
CA LEU A 23 22.47 -5.95 1.62
C LEU A 23 21.84 -6.96 2.57
N ARG A 24 20.53 -7.19 2.43
CA ARG A 24 19.79 -8.12 3.28
CA ARG A 24 19.83 -8.18 3.23
C ARG A 24 18.42 -8.44 2.70
N GLU A 25 17.83 -9.55 3.13
CA GLU A 25 16.45 -9.91 2.82
C GLU A 25 15.51 -9.06 3.64
N LEU A 26 14.50 -8.52 2.98
CA LEU A 26 13.44 -7.80 3.67
C LEU A 26 12.22 -8.69 3.97
N GLY A 27 11.88 -9.55 3.01
CA GLY A 27 10.75 -10.44 3.15
C GLY A 27 10.22 -10.84 1.79
N GLN A 28 9.22 -11.72 1.78
CA GLN A 28 8.59 -12.24 0.58
C GLN A 28 7.59 -11.24 0.03
N GLY A 29 7.85 -10.79 -1.19
CA GLY A 29 6.91 -9.94 -1.92
C GLY A 29 5.92 -10.84 -2.61
N SER A 30 5.00 -10.28 -3.40
CA SER A 30 4.00 -11.13 -4.06
C SER A 30 4.63 -12.10 -5.06
N PHE A 31 5.75 -11.71 -5.67
CA PHE A 31 6.45 -12.53 -6.69
C PHE A 31 7.66 -13.34 -6.23
N GLY A 32 8.22 -12.99 -5.06
CA GLY A 32 9.49 -13.58 -4.60
C GLY A 32 10.15 -12.71 -3.56
N MET A 33 11.37 -13.08 -3.17
CA MET A 33 12.12 -12.34 -2.14
C MET A 33 12.37 -10.86 -2.51
N VAL A 34 12.14 -9.96 -1.56
CA VAL A 34 12.53 -8.57 -1.71
C VAL A 34 13.77 -8.32 -0.85
N TYR A 35 14.69 -7.56 -1.42
CA TYR A 35 15.96 -7.26 -0.77
C TYR A 35 16.08 -5.78 -0.54
N GLU A 36 16.84 -5.42 0.49
CA GLU A 36 17.37 -4.07 0.61
C GLU A 36 18.71 -4.06 -0.09
N GLY A 37 18.97 -3.01 -0.83
CA GLY A 37 20.28 -2.84 -1.45
C GLY A 37 20.68 -1.39 -1.60
N ASN A 38 21.80 -1.20 -2.32
CA ASN A 38 22.28 0.10 -2.76
C ASN A 38 22.46 0.12 -4.27
N ALA A 39 22.08 1.23 -4.90
CA ALA A 39 22.27 1.41 -6.32
C ALA A 39 23.23 2.57 -6.58
N ARG A 40 24.20 2.33 -7.45
CA ARG A 40 25.22 3.31 -7.78
C ARG A 40 24.80 4.04 -9.04
N ASP A 41 24.69 5.36 -8.95
CA ASP A 41 24.35 6.26 -10.05
C ASP A 41 23.07 5.94 -10.81
N ILE A 42 21.98 5.82 -10.04
CA ILE A 42 20.69 5.47 -10.61
C ILE A 42 19.77 6.71 -10.68
N ILE A 43 19.98 7.66 -9.77
CA ILE A 43 19.32 8.96 -9.81
C ILE A 43 20.37 10.08 -9.99
N LYS A 44 20.06 11.03 -10.87
CA LYS A 44 20.89 12.21 -11.09
C LYS A 44 21.01 13.04 -9.83
N GLY A 45 22.23 13.47 -9.52
CA GLY A 45 22.52 14.23 -8.31
C GLY A 45 22.70 13.36 -7.09
N GLU A 46 22.77 12.05 -7.29
CA GLU A 46 23.00 11.09 -6.21
C GLU A 46 24.01 10.04 -6.65
N ALA A 47 25.13 9.98 -5.94
CA ALA A 47 26.14 8.93 -6.11
C ALA A 47 25.54 7.56 -5.89
N GLU A 48 24.86 7.39 -4.75
CA GLU A 48 24.23 6.11 -4.41
C GLU A 48 22.85 6.26 -3.74
N THR A 49 21.97 5.30 -4.02
CA THR A 49 20.57 5.37 -3.59
C THR A 49 20.19 4.07 -2.92
N ARG A 50 19.55 4.20 -1.76
CA ARG A 50 19.00 3.06 -1.02
C ARG A 50 17.80 2.53 -1.77
N VAL A 51 17.82 1.24 -2.07
CA VAL A 51 16.78 0.63 -2.90
C VAL A 51 16.17 -0.62 -2.29
N ALA A 52 14.94 -0.91 -2.68
CA ALA A 52 14.37 -2.22 -2.50
C ALA A 52 14.45 -2.93 -3.84
N VAL A 53 14.95 -4.16 -3.83
CA VAL A 53 15.06 -4.94 -5.05
C VAL A 53 14.10 -6.14 -4.98
N LYS A 54 13.13 -6.14 -5.88
CA LYS A 54 12.20 -7.24 -6.01
C LYS A 54 12.81 -8.29 -6.92
N THR A 55 12.57 -9.54 -6.57
CA THR A 55 12.99 -10.67 -7.36
C THR A 55 11.76 -11.55 -7.58
N VAL A 56 11.89 -12.51 -8.49
CA VAL A 56 10.91 -13.58 -8.63
C VAL A 56 11.60 -14.90 -8.27
N ASN A 57 10.96 -15.70 -7.41
CA ASN A 57 11.64 -16.89 -6.88
C ASN A 57 11.72 -18.05 -7.87
N GLU A 58 12.63 -18.99 -7.58
CA GLU A 58 12.95 -20.11 -8.46
C GLU A 58 11.72 -20.87 -9.01
N SER A 59 10.71 -21.06 -8.17
CA SER A 59 9.55 -21.91 -8.50
C SER A 59 8.60 -21.35 -9.57
N ALA A 60 8.80 -20.10 -9.96
CA ALA A 60 7.89 -19.39 -10.86
C ALA A 60 7.90 -19.91 -12.29
N SER A 61 6.70 -20.02 -12.87
CA SER A 61 6.55 -20.36 -14.28
C SER A 61 7.07 -19.21 -15.13
N LEU A 62 7.36 -19.49 -16.39
CA LEU A 62 7.75 -18.45 -17.34
C LEU A 62 6.65 -17.38 -17.40
N ARG A 63 5.39 -17.81 -17.35
CA ARG A 63 4.26 -16.86 -17.35
C ARG A 63 4.36 -15.87 -16.19
N GLU A 64 4.68 -16.39 -15.00
CA GLU A 64 4.89 -15.58 -13.81
C GLU A 64 6.08 -14.66 -13.97
N ARG A 65 7.17 -15.17 -14.51
CA ARG A 65 8.36 -14.35 -14.76
C ARG A 65 8.04 -13.15 -15.65
N ILE A 66 7.26 -13.37 -16.71
CA ILE A 66 6.79 -12.28 -17.58
C ILE A 66 5.85 -11.30 -16.81
N GLU A 67 4.90 -11.86 -16.04
CA GLU A 67 4.01 -11.06 -15.19
C GLU A 67 4.80 -10.14 -14.23
N PHE A 68 5.94 -10.63 -13.75
CA PHE A 68 6.81 -9.87 -12.86
C PHE A 68 7.30 -8.59 -13.54
N LEU A 69 7.77 -8.72 -14.78
CA LEU A 69 8.26 -7.60 -15.55
C LEU A 69 7.14 -6.66 -16.00
N ASN A 70 5.98 -7.23 -16.35
CA ASN A 70 4.81 -6.43 -16.71
C ASN A 70 4.36 -5.50 -15.58
N GLU A 71 4.42 -5.97 -14.34
CA GLU A 71 4.15 -5.12 -13.17
C GLU A 71 5.08 -3.89 -13.17
N ALA A 72 6.38 -4.13 -13.31
CA ALA A 72 7.37 -3.06 -13.48
C ALA A 72 7.03 -2.14 -14.65
N SER A 73 6.62 -2.72 -15.78
CA SER A 73 6.19 -1.93 -16.94
C SER A 73 5.08 -0.96 -16.57
N VAL A 74 4.08 -1.43 -15.81
CA VAL A 74 2.96 -0.59 -15.40
C VAL A 74 3.41 0.61 -14.52
N MET A 75 4.33 0.35 -13.60
CA MET A 75 4.86 1.40 -12.69
C MET A 75 5.70 2.47 -13.41
N LYS A 76 6.12 2.19 -14.64
CA LYS A 76 6.82 3.17 -15.47
C LYS A 76 6.00 4.45 -15.71
N GLY A 77 4.69 4.29 -15.85
CA GLY A 77 3.81 5.43 -16.03
C GLY A 77 3.31 6.09 -14.75
N PHE A 78 3.86 5.71 -13.59
CA PHE A 78 3.43 6.34 -12.33
C PHE A 78 4.47 7.30 -11.79
N THR A 79 4.07 8.55 -11.59
CA THR A 79 4.90 9.53 -10.91
C THR A 79 4.03 10.20 -9.85
N CYS A 80 3.90 9.52 -8.72
CA CYS A 80 3.20 10.07 -7.58
C CYS A 80 4.09 9.95 -6.36
N HIS A 81 4.22 11.05 -5.62
CA HIS A 81 5.00 11.06 -4.38
C HIS A 81 4.44 10.08 -3.33
N HIS A 82 3.15 9.77 -3.44
CA HIS A 82 2.52 8.87 -2.46
C HIS A 82 2.19 7.50 -3.01
N VAL A 83 2.88 7.10 -4.08
CA VAL A 83 2.95 5.69 -4.50
C VAL A 83 4.43 5.32 -4.63
N VAL A 84 4.83 4.19 -4.04
CA VAL A 84 6.24 3.77 -4.07
C VAL A 84 6.69 3.66 -5.52
N ARG A 85 7.82 4.29 -5.84
CA ARG A 85 8.18 4.45 -7.23
C ARG A 85 9.25 3.49 -7.76
N LEU A 86 9.20 3.25 -9.07
CA LEU A 86 10.11 2.37 -9.74
C LEU A 86 11.36 3.18 -10.06
N LEU A 87 12.52 2.58 -9.88
CA LEU A 87 13.76 3.28 -10.17
C LEU A 87 14.47 2.70 -11.36
N GLY A 88 14.30 1.40 -11.58
CA GLY A 88 15.00 0.71 -12.66
C GLY A 88 14.69 -0.76 -12.73
N VAL A 89 15.10 -1.37 -13.83
CA VAL A 89 14.84 -2.77 -14.11
C VAL A 89 16.13 -3.41 -14.60
N VAL A 90 16.44 -4.62 -14.12
CA VAL A 90 17.52 -5.43 -14.69
C VAL A 90 16.90 -6.65 -15.40
N SER A 91 16.77 -6.57 -16.72
CA SER A 91 16.01 -7.59 -17.47
C SER A 91 16.88 -8.52 -18.31
N LYS A 92 18.15 -8.15 -18.47
CA LYS A 92 19.08 -8.90 -19.29
C LYS A 92 19.80 -9.93 -18.44
N GLY A 93 19.52 -11.21 -18.74
CA GLY A 93 19.95 -12.32 -17.91
C GLY A 93 19.06 -12.54 -16.69
N GLN A 94 19.23 -13.69 -16.05
CA GLN A 94 18.55 -14.00 -14.79
C GLN A 94 19.62 -13.98 -13.68
N PRO A 95 19.26 -13.54 -12.45
CA PRO A 95 17.94 -13.17 -12.00
C PRO A 95 17.50 -11.79 -12.44
N THR A 96 16.24 -11.68 -12.83
CA THR A 96 15.60 -10.43 -13.15
C THR A 96 15.38 -9.62 -11.87
N LEU A 97 15.71 -8.33 -11.92
CA LEU A 97 15.63 -7.44 -10.75
C LEU A 97 14.78 -6.21 -11.04
N VAL A 98 13.85 -5.94 -10.14
CA VAL A 98 13.02 -4.76 -10.23
C VAL A 98 13.40 -3.86 -9.06
N VAL A 99 13.92 -2.68 -9.38
CA VAL A 99 14.51 -1.76 -8.39
C VAL A 99 13.58 -0.59 -8.02
N MET A 100 13.24 -0.49 -6.73
CA MET A 100 12.27 0.46 -6.22
C MET A 100 12.92 1.45 -5.25
N GLU A 101 12.28 2.59 -5.00
CA GLU A 101 12.73 3.45 -3.90
C GLU A 101 12.60 2.64 -2.61
N LEU A 102 13.63 2.64 -1.76
CA LEU A 102 13.55 1.93 -0.49
C LEU A 102 12.56 2.65 0.42
N MET A 103 11.73 1.89 1.11
CA MET A 103 10.87 2.48 2.14
C MET A 103 11.43 2.05 3.47
N ALA A 104 12.31 2.88 4.03
CA ALA A 104 13.19 2.44 5.12
C ALA A 104 12.52 2.07 6.45
N HIS A 105 11.26 2.48 6.65
CA HIS A 105 10.56 2.06 7.88
C HIS A 105 9.59 0.90 7.69
N GLY A 106 9.71 0.24 6.54
CA GLY A 106 8.99 -1.00 6.30
C GLY A 106 7.55 -0.81 5.91
N ASP A 107 6.80 -1.91 5.99
CA ASP A 107 5.38 -1.86 5.69
C ASP A 107 4.67 -1.20 6.87
N LEU A 108 3.53 -0.58 6.58
CA LEU A 108 2.83 0.18 7.60
C LEU A 108 2.37 -0.70 8.77
N LYS A 109 2.00 -1.97 8.51
CA LYS A 109 1.58 -2.86 9.59
C LYS A 109 2.67 -3.16 10.64
N SER A 110 3.86 -3.54 10.17
CA SER A 110 5.01 -3.81 11.04
CA SER A 110 4.97 -3.82 11.08
C SER A 110 5.48 -2.56 11.76
N TYR A 111 5.33 -1.41 11.10
CA TYR A 111 5.73 -0.13 11.68
C TYR A 111 4.84 0.21 12.88
N LEU A 112 3.53 0.08 12.72
CA LEU A 112 2.57 0.28 13.82
C LEU A 112 2.78 -0.70 14.98
N ARG A 113 3.08 -1.96 14.66
CA ARG A 113 3.35 -2.98 15.69
C ARG A 113 4.60 -2.68 16.50
N SER A 114 5.57 -2.04 15.88
CA SER A 114 6.78 -1.61 16.60
C SER A 114 6.47 -0.52 17.62
N LEU A 115 5.31 0.13 17.51
CA LEU A 115 4.99 1.28 18.36
C LEU A 115 4.11 0.95 19.56
N ARG A 116 3.66 -0.30 19.64
CA ARG A 116 2.97 -0.82 20.82
C ARG A 116 3.86 -0.70 22.06
N PRO A 117 3.25 -0.53 23.26
CA PRO A 117 4.00 -0.57 24.52
C PRO A 117 4.89 -1.80 24.67
N GLU A 118 4.38 -2.98 24.32
CA GLU A 118 5.10 -4.22 24.63
C GLU A 118 6.05 -4.73 23.53
N ALA A 119 6.18 -3.95 22.46
CA ALA A 119 7.08 -4.29 21.34
C ALA A 119 8.55 -4.35 21.76
N GLU A 120 9.21 -5.45 21.43
CA GLU A 120 10.64 -5.62 21.72
C GLU A 120 11.51 -4.80 20.77
N ASN A 121 10.94 -4.44 19.63
CA ASN A 121 11.62 -3.62 18.64
C ASN A 121 11.15 -2.15 18.66
N ASN A 122 10.67 -1.70 19.82
CA ASN A 122 10.17 -0.33 19.99
C ASN A 122 11.28 0.72 19.91
N PRO A 123 11.15 1.68 18.96
CA PRO A 123 12.19 2.68 18.71
C PRO A 123 12.28 3.79 19.77
N GLY A 124 11.54 3.65 20.87
CA GLY A 124 11.55 4.61 21.98
C GLY A 124 10.76 5.88 21.70
N ARG A 125 9.87 5.80 20.72
CA ARG A 125 9.04 6.93 20.27
C ARG A 125 7.59 6.68 20.68
N PRO A 126 6.80 7.76 20.88
CA PRO A 126 5.39 7.56 21.22
C PRO A 126 4.59 7.04 20.04
N PRO A 127 3.49 6.30 20.31
CA PRO A 127 2.55 5.92 19.25
C PRO A 127 2.09 7.15 18.47
N PRO A 128 1.49 6.97 17.29
CA PRO A 128 1.18 8.12 16.45
C PRO A 128 0.19 9.09 17.08
N THR A 129 0.48 10.38 16.95
CA THR A 129 -0.36 11.44 17.46
C THR A 129 -1.54 11.58 16.51
N LEU A 130 -2.59 12.29 16.94
CA LEU A 130 -3.71 12.62 16.04
C LEU A 130 -3.20 13.27 14.73
N GLN A 131 -2.36 14.27 14.88
CA GLN A 131 -1.68 14.94 13.76
C GLN A 131 -0.99 13.95 12.80
N GLU A 132 -0.13 13.10 13.35
CA GLU A 132 0.54 12.07 12.55
C GLU A 132 -0.45 11.13 11.84
N MET A 133 -1.51 10.74 12.54
CA MET A 133 -2.53 9.86 11.96
C MET A 133 -3.26 10.52 10.79
N ILE A 134 -3.63 11.79 10.96
CA ILE A 134 -4.30 12.54 9.88
C ILE A 134 -3.41 12.66 8.64
N GLN A 135 -2.11 12.86 8.88
CA GLN A 135 -1.14 13.00 7.80
C GLN A 135 -1.04 11.68 7.00
N MET A 136 -0.96 10.56 7.72
CA MET A 136 -0.99 9.23 7.16
C MET A 136 -2.21 9.02 6.26
N ALA A 137 -3.39 9.38 6.77
CA ALA A 137 -4.65 9.27 6.05
C ALA A 137 -4.65 10.02 4.73
N ALA A 138 -4.25 11.28 4.76
CA ALA A 138 -4.25 12.14 3.58
C ALA A 138 -3.26 11.61 2.55
N GLU A 139 -2.11 11.15 3.03
CA GLU A 139 -1.09 10.51 2.20
C GLU A 139 -1.56 9.24 1.50
N ILE A 140 -2.16 8.33 2.26
CA ILE A 140 -2.69 7.09 1.71
C ILE A 140 -3.78 7.44 0.72
N ALA A 141 -4.66 8.35 1.12
CA ALA A 141 -5.80 8.74 0.30
C ALA A 141 -5.34 9.40 -0.99
N ASP A 142 -4.26 10.18 -0.91
CA ASP A 142 -3.69 10.85 -2.09
C ASP A 142 -3.08 9.85 -3.08
N GLY A 143 -2.32 8.87 -2.58
CA GLY A 143 -1.82 7.78 -3.43
C GLY A 143 -2.95 7.02 -4.09
N MET A 144 -3.99 6.69 -3.32
CA MET A 144 -5.15 5.98 -3.86
C MET A 144 -5.91 6.81 -4.88
N ALA A 145 -6.04 8.10 -4.63
CA ALA A 145 -6.67 8.99 -5.61
C ALA A 145 -5.90 8.95 -6.93
N TYR A 146 -4.56 8.95 -6.85
CA TYR A 146 -3.73 8.86 -8.07
C TYR A 146 -4.02 7.58 -8.84
N LEU A 147 -4.03 6.46 -8.12
CA LEU A 147 -4.28 5.18 -8.74
C LEU A 147 -5.65 5.15 -9.38
N ASN A 148 -6.66 5.64 -8.66
CA ASN A 148 -8.03 5.73 -9.20
C ASN A 148 -8.11 6.57 -10.47
N ALA A 149 -7.30 7.63 -10.54
CA ALA A 149 -7.24 8.50 -11.72
C ALA A 149 -6.56 7.77 -12.89
N LYS A 150 -5.64 6.89 -12.55
CA LYS A 150 -4.92 6.06 -13.52
C LYS A 150 -5.75 4.83 -13.91
N LYS A 151 -6.91 4.72 -13.27
CA LYS A 151 -7.91 3.69 -13.54
C LYS A 151 -7.62 2.32 -12.93
N PHE A 152 -6.84 2.31 -11.85
CA PHE A 152 -6.60 1.08 -11.12
C PHE A 152 -7.52 0.88 -9.92
N VAL A 153 -8.10 -0.31 -9.84
CA VAL A 153 -8.77 -0.75 -8.64
C VAL A 153 -7.77 -1.62 -7.88
N HIS A 154 -7.42 -1.22 -6.67
CA HIS A 154 -6.35 -1.83 -5.87
C HIS A 154 -6.70 -3.25 -5.37
N ARG A 155 -7.81 -3.39 -4.64
CA ARG A 155 -8.33 -4.69 -4.18
C ARG A 155 -7.55 -5.28 -3.01
N ASN A 156 -6.42 -4.63 -2.65
CA ASN A 156 -5.47 -5.14 -1.68
C ASN A 156 -5.02 -4.09 -0.66
N LEU A 157 -5.80 -3.04 -0.49
CA LEU A 157 -5.45 -1.99 0.46
C LEU A 157 -5.55 -2.50 1.90
N ALA A 158 -4.41 -2.51 2.57
CA ALA A 158 -4.27 -2.96 3.95
C ALA A 158 -2.96 -2.35 4.45
N ALA A 159 -2.82 -2.21 5.76
CA ALA A 159 -1.62 -1.58 6.30
C ALA A 159 -0.35 -2.25 5.83
N ARG A 160 -0.38 -3.57 5.66
CA ARG A 160 0.82 -4.29 5.22
C ARG A 160 1.22 -3.97 3.77
N ASN A 161 0.26 -3.43 3.01
CA ASN A 161 0.49 -3.10 1.61
C ASN A 161 0.85 -1.65 1.36
N CYS A 162 0.96 -0.92 2.46
CA CYS A 162 1.33 0.48 2.45
C CYS A 162 2.71 0.53 3.08
N MET A 163 3.54 1.44 2.61
CA MET A 163 4.92 1.49 3.10
C MET A 163 5.21 2.79 3.82
N VAL A 164 6.31 2.81 4.59
CA VAL A 164 6.71 3.97 5.38
C VAL A 164 8.15 4.38 5.01
N ALA A 165 8.31 5.64 4.60
CA ALA A 165 9.60 6.15 4.14
C ALA A 165 10.51 6.53 5.30
N HIS A 166 11.74 6.92 4.97
CA HIS A 166 12.73 7.43 5.93
C HIS A 166 12.24 8.57 6.83
N ASP A 167 11.47 9.48 6.24
CA ASP A 167 10.91 10.67 6.91
C ASP A 167 9.47 10.44 7.35
N PHE A 168 9.05 9.18 7.34
CA PHE A 168 7.78 8.70 7.88
C PHE A 168 6.58 8.94 6.98
N THR A 169 6.85 9.32 5.73
CA THR A 169 5.85 9.44 4.72
C THR A 169 5.32 8.06 4.41
N VAL A 170 4.00 7.96 4.28
CA VAL A 170 3.32 6.72 3.93
C VAL A 170 2.93 6.74 2.46
N LYS A 171 3.21 5.63 1.78
CA LYS A 171 2.97 5.50 0.34
C LYS A 171 2.23 4.19 0.03
N ILE A 172 1.55 4.13 -1.10
CA ILE A 172 0.95 2.87 -1.53
C ILE A 172 2.06 2.07 -2.19
N GLY A 173 2.26 0.86 -1.69
CA GLY A 173 3.34 -0.02 -2.17
C GLY A 173 3.28 -0.34 -3.64
N ASP A 174 2.08 -0.62 -4.14
CA ASP A 174 1.90 -0.89 -5.58
C ASP A 174 0.47 -0.61 -6.01
N PHE A 175 0.12 -0.94 -7.26
CA PHE A 175 -1.26 -0.85 -7.74
C PHE A 175 -2.14 -2.07 -7.35
N GLY A 176 -1.58 -2.97 -6.53
CA GLY A 176 -2.29 -4.12 -5.99
C GLY A 176 -2.62 -5.18 -7.02
N MET A 177 -1.71 -5.39 -7.96
CA MET A 177 -1.93 -6.29 -9.11
C MET A 177 -2.23 -7.72 -8.70
N THR A 178 -3.41 -8.19 -9.09
CA THR A 178 -3.87 -9.54 -8.80
C THR A 178 -4.47 -10.10 -10.08
N ARG A 179 -4.22 -11.38 -10.36
CA ARG A 179 -4.95 -12.09 -11.40
C ARG A 179 -6.45 -12.01 -11.11
N ASP A 180 -7.25 -11.76 -12.15
CA ASP A 180 -8.70 -11.62 -12.01
C ASP A 180 -9.42 -12.81 -11.36
N ILE A 181 -8.81 -14.00 -11.44
CA ILE A 181 -9.42 -15.24 -10.92
C ILE A 181 -9.62 -15.23 -9.39
N TYR A 182 -8.74 -14.53 -8.69
CA TYR A 182 -8.81 -14.42 -7.22
C TYR A 182 -10.00 -13.56 -6.73
N GLU A 183 -10.79 -13.05 -7.69
CA GLU A 183 -11.99 -12.27 -7.40
C GLU A 183 -13.23 -13.15 -7.30
N THR A 184 -13.10 -14.42 -7.70
CA THR A 184 -14.22 -15.36 -7.71
C THR A 184 -14.61 -15.84 -6.30
N ASP A 185 -15.84 -16.35 -6.20
CA ASP A 185 -16.45 -16.82 -4.96
C ASP A 185 -15.64 -17.88 -4.21
N TYR A 186 -14.97 -18.75 -4.96
CA TYR A 186 -14.10 -19.77 -4.37
C TYR A 186 -12.96 -19.13 -3.56
N TYR A 187 -12.30 -18.15 -4.16
CA TYR A 187 -11.14 -17.50 -3.55
C TYR A 187 -11.53 -16.47 -2.48
N ARG A 188 -12.66 -15.79 -2.68
CA ARG A 188 -13.18 -14.86 -1.68
C ARG A 188 -13.50 -15.63 -0.41
N LYS A 189 -14.55 -16.44 -0.46
CA LYS A 189 -14.90 -17.34 0.63
C LYS A 189 -13.85 -18.45 0.74
N GLY A 193 -7.28 -17.43 -0.45
CA GLY A 193 -7.03 -16.56 -1.61
C GLY A 193 -6.20 -15.32 -1.29
N LEU A 194 -5.57 -14.76 -2.32
CA LEU A 194 -4.69 -13.59 -2.17
C LEU A 194 -5.37 -12.28 -1.67
N LEU A 195 -6.69 -12.15 -1.87
CA LEU A 195 -7.44 -10.96 -1.43
C LEU A 195 -8.07 -11.17 -0.04
N PRO A 196 -7.83 -10.23 0.88
CA PRO A 196 -8.13 -10.41 2.31
C PRO A 196 -9.58 -10.10 2.69
N VAL A 197 -10.31 -11.10 3.17
CA VAL A 197 -11.75 -10.93 3.43
C VAL A 197 -12.07 -9.97 4.59
N ARG A 198 -11.10 -9.77 5.49
CA ARG A 198 -11.28 -8.89 6.65
C ARG A 198 -11.12 -7.41 6.27
N TRP A 199 -10.77 -7.16 5.02
CA TRP A 199 -10.60 -5.79 4.48
C TRP A 199 -11.60 -5.50 3.34
N MET A 200 -12.46 -6.47 3.06
CA MET A 200 -13.38 -6.42 1.92
C MET A 200 -14.77 -5.85 2.19
N ALA A 201 -15.22 -5.00 1.27
CA ALA A 201 -16.56 -4.42 1.31
C ALA A 201 -17.66 -5.48 1.18
N PRO A 202 -18.84 -5.25 1.79
CA PRO A 202 -19.95 -6.20 1.74
C PRO A 202 -20.42 -6.58 0.33
N GLU A 203 -20.38 -5.63 -0.61
CA GLU A 203 -20.74 -5.91 -2.01
C GLU A 203 -19.65 -6.72 -2.75
N SER A 204 -18.40 -6.58 -2.32
CA SER A 204 -17.32 -7.38 -2.86
C SER A 204 -17.45 -8.78 -2.32
N LEU A 205 -17.80 -8.90 -1.04
CA LEU A 205 -17.98 -10.20 -0.40
C LEU A 205 -19.18 -10.89 -1.00
N LYS A 206 -20.23 -10.11 -1.25
CA LYS A 206 -21.47 -10.64 -1.79
C LYS A 206 -21.36 -11.07 -3.25
N ASP A 207 -20.92 -10.17 -4.12
CA ASP A 207 -20.98 -10.41 -5.57
C ASP A 207 -19.68 -10.26 -6.34
N GLY A 208 -18.57 -10.08 -5.64
CA GLY A 208 -17.27 -9.91 -6.26
C GLY A 208 -17.15 -8.58 -7.00
N VAL A 209 -17.93 -7.60 -6.58
CA VAL A 209 -17.87 -6.27 -7.17
C VAL A 209 -16.67 -5.58 -6.51
N PHE A 210 -15.66 -5.25 -7.30
CA PHE A 210 -14.51 -4.51 -6.79
C PHE A 210 -14.42 -3.19 -7.51
N THR A 211 -14.57 -2.09 -6.78
CA THR A 211 -14.53 -0.76 -7.36
C THR A 211 -13.69 0.14 -6.48
N THR A 212 -13.54 1.39 -6.88
CA THR A 212 -12.86 2.38 -6.04
C THR A 212 -13.61 2.61 -4.73
N SER A 213 -14.92 2.38 -4.72
CA SER A 213 -15.74 2.46 -3.50
C SER A 213 -15.44 1.34 -2.52
N SER A 214 -15.16 0.14 -3.01
CA SER A 214 -14.76 -0.95 -2.11
C SER A 214 -13.33 -0.77 -1.58
N ASP A 215 -12.48 -0.08 -2.34
CA ASP A 215 -11.16 0.34 -1.85
C ASP A 215 -11.30 1.31 -0.67
N MET A 216 -12.28 2.21 -0.78
CA MET A 216 -12.60 3.13 0.30
C MET A 216 -12.94 2.39 1.59
N TRP A 217 -13.74 1.33 1.49
CA TRP A 217 -13.97 0.46 2.63
C TRP A 217 -12.65 -0.03 3.22
N SER A 218 -11.77 -0.58 2.38
CA SER A 218 -10.46 -1.07 2.83
C SER A 218 -9.61 0.04 3.46
N PHE A 219 -9.69 1.25 2.90
CA PHE A 219 -9.07 2.44 3.48
C PHE A 219 -9.50 2.62 4.93
N GLY A 220 -10.80 2.44 5.16
CA GLY A 220 -11.37 2.58 6.50
C GLY A 220 -10.79 1.58 7.47
N VAL A 221 -10.48 0.38 6.97
CA VAL A 221 -9.85 -0.66 7.79
C VAL A 221 -8.40 -0.27 8.08
N VAL A 222 -7.71 0.31 7.10
CA VAL A 222 -6.35 0.81 7.32
C VAL A 222 -6.36 1.77 8.49
N LEU A 223 -7.33 2.71 8.50
CA LEU A 223 -7.47 3.70 9.60
C LEU A 223 -7.72 3.02 10.92
N TRP A 224 -8.50 1.94 10.87
CA TRP A 224 -8.73 1.12 12.04
C TRP A 224 -7.44 0.46 12.52
N GLU A 225 -6.59 0.04 11.58
CA GLU A 225 -5.29 -0.57 11.88
C GLU A 225 -4.35 0.48 12.48
N ILE A 226 -4.39 1.68 11.92
CA ILE A 226 -3.58 2.77 12.43
C ILE A 226 -3.89 3.04 13.91
N THR A 227 -5.17 3.07 14.25
CA THR A 227 -5.64 3.45 15.60
C THR A 227 -5.69 2.31 16.62
N SER A 228 -5.55 1.07 16.15
CA SER A 228 -5.44 -0.09 17.02
C SER A 228 -4.00 -0.59 16.98
N LEU A 229 -3.13 0.17 16.31
CA LEU A 229 -1.73 -0.22 16.12
C LEU A 229 -1.62 -1.63 15.53
N ALA A 230 -2.40 -1.87 14.49
CA ALA A 230 -2.32 -3.07 13.67
C ALA A 230 -2.72 -4.35 14.39
N GLU A 231 -3.83 -4.30 15.10
CA GLU A 231 -4.49 -5.51 15.57
C GLU A 231 -5.13 -6.21 14.35
N GLN A 232 -5.59 -7.45 14.54
CA GLN A 232 -6.26 -8.17 13.46
C GLN A 232 -7.74 -7.85 13.45
N PRO A 233 -8.25 -7.29 12.31
CA PRO A 233 -9.66 -6.94 12.18
C PRO A 233 -10.53 -8.15 12.49
N TYR A 234 -11.55 -7.94 13.34
CA TYR A 234 -12.51 -8.97 13.76
C TYR A 234 -11.83 -10.16 14.44
N GLN A 235 -10.86 -9.86 15.31
CA GLN A 235 -10.15 -10.88 16.07
C GLN A 235 -11.11 -11.59 17.01
N GLY A 236 -11.10 -12.92 16.98
CA GLY A 236 -12.07 -13.71 17.73
C GLY A 236 -13.18 -14.26 16.85
N LEU A 237 -13.27 -13.74 15.62
CA LEU A 237 -14.19 -14.29 14.62
C LEU A 237 -13.42 -15.05 13.54
N SER A 238 -14.03 -16.11 13.02
CA SER A 238 -13.42 -16.84 11.92
C SER A 238 -13.75 -16.16 10.60
N ASN A 239 -13.10 -16.60 9.52
CA ASN A 239 -13.38 -16.08 8.18
C ASN A 239 -14.86 -16.16 7.77
N GLU A 240 -15.52 -17.26 8.14
CA GLU A 240 -16.94 -17.45 7.86
C GLU A 240 -17.82 -16.49 8.66
N GLN A 241 -17.44 -16.24 9.92
CA GLN A 241 -18.17 -15.29 10.77
C GLN A 241 -18.03 -13.81 10.30
N VAL A 242 -16.89 -13.46 9.71
CA VAL A 242 -16.66 -12.10 9.21
C VAL A 242 -17.50 -11.83 7.98
N LEU A 243 -17.45 -12.78 7.04
CA LEU A 243 -18.26 -12.74 5.81
C LEU A 243 -19.73 -12.42 6.09
N LYS A 244 -20.38 -13.21 6.94
CA LYS A 244 -21.76 -12.97 7.38
C LYS A 244 -21.92 -11.63 8.12
N PHE A 245 -21.15 -11.45 9.20
CA PHE A 245 -21.21 -10.22 10.00
C PHE A 245 -21.16 -8.96 9.14
N VAL A 246 -20.19 -8.92 8.24
CA VAL A 246 -20.00 -7.76 7.36
C VAL A 246 -21.08 -7.65 6.29
N MET A 247 -21.56 -8.78 5.79
CA MET A 247 -22.63 -8.77 4.78
C MET A 247 -24.00 -8.34 5.34
N ASP A 248 -24.22 -8.58 6.62
CA ASP A 248 -25.47 -8.23 7.32
C ASP A 248 -25.57 -6.74 7.71
N GLY A 249 -24.49 -5.99 7.50
CA GLY A 249 -24.46 -4.58 7.86
C GLY A 249 -23.49 -4.23 8.99
N GLY A 250 -22.73 -5.23 9.45
CA GLY A 250 -21.82 -5.02 10.57
C GLY A 250 -20.52 -4.39 10.13
N TYR A 251 -19.77 -3.88 11.10
CA TYR A 251 -18.43 -3.32 10.86
C TYR A 251 -17.67 -3.23 12.19
N LEU A 252 -16.39 -2.89 12.12
CA LEU A 252 -15.48 -2.90 13.27
C LEU A 252 -15.86 -1.91 14.36
N ASP A 253 -15.65 -2.32 15.62
CA ASP A 253 -15.77 -1.43 16.77
C ASP A 253 -14.60 -0.47 16.78
N GLN A 254 -14.77 0.67 17.44
CA GLN A 254 -13.69 1.65 17.55
C GLN A 254 -12.68 1.21 18.59
N PRO A 255 -11.37 1.31 18.26
CA PRO A 255 -10.34 0.95 19.23
C PRO A 255 -10.43 1.85 20.47
N ASP A 256 -9.93 1.39 21.61
CA ASP A 256 -10.02 2.18 22.85
C ASP A 256 -9.45 3.58 22.65
N ASN A 257 -10.19 4.59 23.10
CA ASN A 257 -9.72 5.98 23.04
C ASN A 257 -9.15 6.34 21.66
N CYS A 258 -9.90 5.95 20.63
CA CYS A 258 -9.60 6.32 19.27
C CYS A 258 -10.11 7.74 19.08
N PRO A 259 -9.32 8.59 18.41
CA PRO A 259 -9.78 9.94 18.11
C PRO A 259 -11.10 9.95 17.34
N GLU A 260 -12.04 10.77 17.81
CA GLU A 260 -13.34 10.93 17.16
C GLU A 260 -13.23 11.31 15.67
N ARG A 261 -12.20 12.07 15.30
CA ARG A 261 -12.05 12.48 13.91
C ARG A 261 -11.76 11.30 12.97
N VAL A 262 -10.96 10.35 13.46
CA VAL A 262 -10.65 9.15 12.70
C VAL A 262 -11.86 8.20 12.64
N THR A 263 -12.58 8.11 13.75
CA THR A 263 -13.83 7.35 13.82
C THR A 263 -14.84 7.81 12.78
N ASP A 264 -15.04 9.12 12.69
CA ASP A 264 -15.94 9.69 11.69
C ASP A 264 -15.50 9.35 10.28
N LEU A 265 -14.19 9.30 10.04
CA LEU A 265 -13.63 8.87 8.76
C LEU A 265 -13.91 7.41 8.45
N MET A 266 -13.71 6.54 9.43
CA MET A 266 -14.03 5.11 9.30
C MET A 266 -15.51 4.86 9.04
N ARG A 267 -16.38 5.60 9.72
CA ARG A 267 -17.82 5.39 9.55
C ARG A 267 -18.31 5.83 8.17
N MET A 268 -17.65 6.84 7.60
CA MET A 268 -17.91 7.30 6.22
C MET A 268 -17.58 6.20 5.23
N CYS A 269 -16.51 5.45 5.53
CA CYS A 269 -15.97 4.39 4.67
C CYS A 269 -16.81 3.13 4.73
N TRP A 270 -17.53 2.95 5.84
CA TRP A 270 -18.18 1.68 6.14
C TRP A 270 -19.68 1.80 5.97
N GLN A 271 -20.06 2.78 5.14
CA GLN A 271 -21.41 2.90 4.64
C GLN A 271 -21.70 1.67 3.77
N PHE A 272 -22.83 1.04 4.04
CA PHE A 272 -23.24 -0.15 3.34
C PHE A 272 -23.45 0.12 1.85
N ASN A 273 -24.12 1.23 1.54
CA ASN A 273 -24.33 1.63 0.17
C ASN A 273 -23.06 2.28 -0.37
N PRO A 274 -22.37 1.63 -1.33
CA PRO A 274 -21.13 2.17 -1.89
C PRO A 274 -21.23 3.62 -2.35
N ASN A 275 -22.37 4.02 -2.90
CA ASN A 275 -22.62 5.40 -3.35
C ASN A 275 -22.45 6.47 -2.25
N MET A 276 -22.70 6.06 -0.99
CA MET A 276 -22.65 6.94 0.16
C MET A 276 -21.23 7.13 0.73
N ARG A 277 -20.29 6.32 0.27
CA ARG A 277 -18.91 6.45 0.71
C ARG A 277 -18.19 7.59 -0.01
N PRO A 278 -17.23 8.24 0.68
CA PRO A 278 -16.41 9.25 0.00
C PRO A 278 -15.53 8.70 -1.13
N THR A 279 -15.00 9.61 -1.96
CA THR A 279 -13.95 9.26 -2.90
C THR A 279 -12.63 9.62 -2.24
N PHE A 280 -11.51 9.12 -2.77
CA PHE A 280 -10.21 9.48 -2.25
C PHE A 280 -9.84 10.96 -2.33
N LEU A 281 -10.22 11.62 -3.43
CA LEU A 281 -10.05 13.08 -3.51
C LEU A 281 -10.82 13.82 -2.41
N GLU A 282 -12.00 13.33 -2.09
CA GLU A 282 -12.83 13.93 -1.04
C GLU A 282 -12.19 13.81 0.35
N ILE A 283 -11.53 12.69 0.61
CA ILE A 283 -10.78 12.49 1.86
C ILE A 283 -9.62 13.51 1.99
N VAL A 284 -8.84 13.63 0.93
CA VAL A 284 -7.74 14.59 0.94
C VAL A 284 -8.29 15.98 1.18
N ASN A 285 -9.33 16.35 0.45
CA ASN A 285 -10.04 17.61 0.62
C ASN A 285 -10.51 17.84 2.06
N LEU A 286 -11.13 16.83 2.67
CA LEU A 286 -11.59 16.90 4.06
CA LEU A 286 -11.58 16.89 4.05
C LEU A 286 -10.43 17.12 5.03
N LEU A 287 -9.25 16.62 4.70
CA LEU A 287 -8.12 16.68 5.63
C LEU A 287 -7.07 17.75 5.33
N LYS A 288 -7.23 18.41 4.19
CA LYS A 288 -6.14 19.22 3.60
C LYS A 288 -5.66 20.43 4.41
N ASP A 289 -6.53 21.00 5.23
CA ASP A 289 -6.28 22.31 5.84
C ASP A 289 -5.38 22.25 7.08
N ASP A 290 -5.06 21.04 7.54
CA ASP A 290 -4.07 20.88 8.59
C ASP A 290 -3.18 19.69 8.31
N LEU A 291 -2.33 19.86 7.29
CA LEU A 291 -1.28 18.92 6.92
C LEU A 291 0.09 19.63 6.92
N HIS A 292 1.16 18.87 6.80
CA HIS A 292 2.50 19.44 6.65
C HIS A 292 2.55 20.42 5.47
N PRO A 293 3.23 21.57 5.65
CA PRO A 293 3.38 22.58 4.58
C PRO A 293 3.92 22.05 3.24
N SER A 294 4.62 20.92 3.26
CA SER A 294 5.13 20.30 2.04
C SER A 294 4.05 19.55 1.22
N PHE A 295 2.90 19.28 1.84
CA PHE A 295 1.85 18.47 1.19
C PHE A 295 1.41 18.96 -0.19
N PRO A 296 0.98 20.24 -0.33
CA PRO A 296 0.60 20.81 -1.66
C PRO A 296 1.70 20.73 -2.72
N GLU A 297 2.94 20.79 -2.27
CA GLU A 297 4.09 20.73 -3.16
C GLU A 297 4.30 19.34 -3.75
N VAL A 298 3.85 18.31 -3.04
CA VAL A 298 4.07 16.93 -3.46
C VAL A 298 2.81 16.14 -3.84
N SER A 299 1.65 16.53 -3.32
CA SER A 299 0.41 15.78 -3.58
C SER A 299 -0.06 15.74 -5.05
N PHE A 300 -0.75 14.65 -5.40
CA PHE A 300 -1.51 14.55 -6.65
C PHE A 300 -2.69 15.52 -6.59
N PHE A 301 -3.32 15.60 -5.43
CA PHE A 301 -4.46 16.50 -5.15
C PHE A 301 -4.22 17.92 -5.64
N HIS A 302 -3.10 18.53 -5.25
CA HIS A 302 -2.77 19.93 -5.63
C HIS A 302 -1.99 20.07 -6.94
N SER A 303 -1.81 18.97 -7.68
CA SER A 303 -1.03 18.95 -8.93
C SER A 303 -1.87 19.29 -10.14
N GLU A 304 -1.19 19.71 -11.21
CA GLU A 304 -1.83 20.02 -12.50
C GLU A 304 -2.51 18.82 -13.13
N GLU A 305 -2.13 17.62 -12.68
CA GLU A 305 -2.66 16.36 -13.20
C GLU A 305 -4.02 16.02 -12.62
N ASN A 306 -4.31 16.54 -11.43
CA ASN A 306 -5.64 16.35 -10.83
C ASN A 306 -6.67 17.22 -11.54
N LYS A 307 -7.32 16.61 -12.53
CA LYS A 307 -8.20 17.29 -13.48
C LYS A 307 -9.63 16.73 -13.43
C1 GS3 B . 14.08 -1.74 5.54
O1 GS3 B . 13.01 -1.57 4.61
C2 GS3 B . 12.02 -2.52 4.88
C3 GS3 B . 12.00 -3.24 6.05
C4 GS3 B . 11.01 -4.19 6.27
C5 GS3 B . 10.06 -4.37 5.28
C6 GS3 B . 10.07 -3.64 4.12
C7 GS3 B . 11.07 -2.70 3.89
N1 GS3 B . 11.18 -1.91 2.72
C8 GS3 B . 10.58 -2.10 1.47
N2 GS3 B . 9.93 -3.23 1.23
C9 GS3 B . 9.32 -3.44 0.05
N3 GS3 B . 8.62 -4.61 -0.28
C10 GS3 B . 8.39 -5.70 0.56
C11 GS3 B . 9.30 -6.13 1.50
C12 GS3 B . 9.04 -7.22 2.30
C13 GS3 B . 7.85 -7.91 2.17
C14 GS3 B . 6.93 -7.50 1.23
F1 GS3 B . 5.75 -8.15 1.07
C15 GS3 B . 7.21 -6.41 0.44
C16 GS3 B . 6.19 -6.02 -0.53
O2 GS3 B . 6.47 -5.75 -1.69
N4 GS3 B . 4.93 -5.99 0.01
C17 GS3 B . 9.41 -2.42 -0.90
C18 GS3 B . 8.93 -2.24 -2.22
C19 GS3 B . 9.36 -1.00 -2.64
N5 GS3 B . 10.06 -0.43 -1.62
C20 GS3 B . 10.10 -1.29 -0.55
N6 GS3 B . 10.69 -1.06 0.62
N7 GS3 B . 10.99 -4.93 7.47
C21 GS3 B . 9.69 -5.55 7.66
C22 GS3 B . 9.58 -5.93 9.12
N8 GS3 B . 10.67 -6.91 9.39
C23 GS3 B . 12.04 -6.42 9.03
C24 GS3 B . 12.07 -5.91 7.60
C25 GS3 B . 10.54 -7.49 10.77
C26 GS3 B . 9.29 -8.35 10.83
C27 GS3 B . 11.71 -8.42 11.01
#